data_6WE3
#
_entry.id   6WE3
#
_cell.length_a   82.353
_cell.length_b   144.656
_cell.length_c   82.541
_cell.angle_alpha   90.000
_cell.angle_beta   90.000
_cell.angle_gamma   90.000
#
_symmetry.space_group_name_H-M   'C 2 2 21'
#
loop_
_entity.id
_entity.type
_entity.pdbx_description
1 polymer 'Protein mono-ADP-ribosyltransferase PARP14'
2 non-polymer 2-{[(trans-4-hydroxycyclohexyl)sulfanyl]methyl}-8-methylquinazolin-4(3H)-one
3 non-polymer 1,2-ETHANEDIOL
4 non-polymer DI(HYDROXYETHYL)ETHER
5 non-polymer GLYCEROL
6 non-polymer 'SULFATE ION'
7 non-polymer 'TRIETHYLENE GLYCOL'
8 water water
#
_entity_poly.entity_id   1
_entity_poly.type   'polypeptide(L)'
_entity_poly.pdbx_seq_one_letter_code
;SNADMKQQNFCVVELLPSDPEYNTVASKFNQTCSHFRIEKIERIQNPDLWNSYQAKKKTMDAKNGQTMNEKQLFHGTDAG
SVPHVNRNGFNRSYAGKNAVAYGKGTYFAVNANYSANDTYSRPDANGRKHVYYVRVLTGIYTHGNHSLIVPPSKNPQNPT
DLYDTVTDNVHHPSLFVAFYDYQAYPEYLITFRK
;
_entity_poly.pdbx_strand_id   A,B
#
# COMPACT_ATOMS: atom_id res chain seq x y z
N LYS A 6 5.02 9.31 11.78
CA LYS A 6 5.58 9.17 13.14
C LYS A 6 4.78 8.19 13.98
N GLN A 7 3.46 8.15 13.75
CA GLN A 7 2.53 7.23 14.42
C GLN A 7 1.46 6.74 13.42
N GLN A 8 0.61 5.89 13.95
CA GLN A 8 -0.39 5.06 13.25
C GLN A 8 0.37 4.16 12.28
N ASN A 9 1.47 3.59 12.77
CA ASN A 9 2.15 2.49 12.06
C ASN A 9 1.20 1.32 11.97
N PHE A 10 1.40 0.43 10.99
CA PHE A 10 0.43 -0.67 10.78
C PHE A 10 1.15 -1.88 10.25
N CYS A 11 0.44 -2.99 10.39
CA CYS A 11 0.84 -4.28 9.83
C CYS A 11 -0.33 -4.76 8.98
N VAL A 12 -0.01 -5.47 7.94
CA VAL A 12 -0.94 -6.09 6.97
C VAL A 12 -0.74 -7.61 7.03
N VAL A 13 -1.79 -8.31 7.43
CA VAL A 13 -1.79 -9.75 7.80
C VAL A 13 -2.77 -10.42 6.88
N GLU A 14 -2.23 -11.30 6.03
CA GLU A 14 -3.05 -12.03 5.05
C GLU A 14 -3.80 -13.10 5.84
N LEU A 15 -5.09 -13.25 5.57
CA LEU A 15 -5.92 -14.34 6.12
C LEU A 15 -5.78 -15.54 5.21
N LEU A 16 -5.47 -16.71 5.80
CA LEU A 16 -5.58 -17.99 5.08
C LEU A 16 -7.03 -18.15 4.69
N PRO A 17 -7.27 -18.64 3.46
CA PRO A 17 -8.61 -19.05 3.05
C PRO A 17 -9.23 -20.01 4.08
N SER A 18 -8.42 -20.74 4.85
CA SER A 18 -8.90 -21.72 5.88
C SER A 18 -9.17 -21.03 7.22
N ASP A 19 -8.90 -19.72 7.33
CA ASP A 19 -9.18 -18.91 8.55
C ASP A 19 -10.66 -18.54 8.60
N PRO A 20 -11.37 -18.83 9.71
CA PRO A 20 -12.78 -18.46 9.86
C PRO A 20 -13.08 -17.01 9.46
N GLU A 21 -12.17 -16.09 9.80
CA GLU A 21 -12.34 -14.64 9.48
C GLU A 21 -12.47 -14.44 7.97
N TYR A 22 -11.71 -15.17 7.17
CA TYR A 22 -11.84 -15.16 5.70
C TYR A 22 -13.25 -15.58 5.26
N ASN A 23 -13.69 -16.76 5.73
N ASN A 23 -13.72 -16.76 5.72
CA ASN A 23 -15.06 -17.27 5.44
CA ASN A 23 -15.10 -17.21 5.36
C ASN A 23 -16.08 -16.11 5.70
C ASN A 23 -16.09 -16.07 5.69
N THR A 24 -15.96 -15.41 6.82
CA THR A 24 -16.95 -14.39 7.27
C THR A 24 -16.96 -13.20 6.31
N VAL A 25 -15.81 -12.67 5.93
CA VAL A 25 -15.73 -11.43 5.08
C VAL A 25 -16.22 -11.84 3.69
N ALA A 26 -15.77 -13.00 3.21
CA ALA A 26 -16.13 -13.51 1.88
C ALA A 26 -17.64 -13.62 1.74
N SER A 27 -18.30 -14.17 2.76
CA SER A 27 -19.78 -14.32 2.81
C SER A 27 -20.46 -12.97 2.55
N LYS A 28 -20.11 -11.95 3.32
CA LYS A 28 -20.82 -10.65 3.21
C LYS A 28 -20.61 -10.08 1.80
N PHE A 29 -19.35 -10.13 1.36
CA PHE A 29 -18.94 -9.69 0.00
C PHE A 29 -19.79 -10.42 -1.04
N ASN A 30 -19.82 -11.75 -0.95
CA ASN A 30 -20.52 -12.64 -1.93
C ASN A 30 -22.04 -12.44 -1.95
N GLN A 31 -22.66 -11.78 -0.95
CA GLN A 31 -24.11 -11.47 -1.04
C GLN A 31 -24.44 -10.72 -2.34
N THR A 32 -23.52 -9.90 -2.84
CA THR A 32 -23.76 -8.97 -3.97
C THR A 32 -22.63 -9.01 -4.99
N CYS A 33 -21.49 -9.66 -4.70
CA CYS A 33 -20.28 -9.65 -5.57
C CYS A 33 -19.75 -11.07 -5.80
N SER A 34 -20.60 -12.07 -5.75
CA SER A 34 -20.19 -13.48 -6.01
C SER A 34 -19.65 -13.65 -7.45
N HIS A 35 -19.95 -12.78 -8.40
CA HIS A 35 -19.46 -12.90 -9.81
C HIS A 35 -18.01 -12.40 -9.91
N PHE A 36 -17.47 -11.78 -8.86
CA PHE A 36 -16.02 -11.41 -8.76
C PHE A 36 -15.24 -12.58 -8.18
N ARG A 37 -13.96 -12.65 -8.46
CA ARG A 37 -13.05 -13.64 -7.86
C ARG A 37 -12.19 -12.93 -6.81
N ILE A 38 -12.23 -13.43 -5.58
CA ILE A 38 -11.41 -12.92 -4.44
C ILE A 38 -10.00 -13.48 -4.57
N GLU A 39 -8.98 -12.64 -4.64
CA GLU A 39 -7.57 -13.09 -4.68
C GLU A 39 -7.00 -13.13 -3.26
N LYS A 40 -7.41 -12.23 -2.37
CA LYS A 40 -6.73 -12.11 -1.06
C LYS A 40 -7.62 -11.28 -0.12
N ILE A 41 -7.57 -11.60 1.17
CA ILE A 41 -8.25 -10.83 2.24
C ILE A 41 -7.20 -10.57 3.32
N GLU A 42 -7.00 -9.30 3.69
CA GLU A 42 -5.95 -8.85 4.63
C GLU A 42 -6.60 -8.12 5.79
N ARG A 43 -6.05 -8.32 6.98
CA ARG A 43 -6.44 -7.57 8.18
C ARG A 43 -5.42 -6.47 8.33
N ILE A 44 -5.91 -5.27 8.54
CA ILE A 44 -5.08 -4.07 8.79
C ILE A 44 -4.98 -3.92 10.30
N GLN A 45 -3.75 -3.98 10.84
CA GLN A 45 -3.49 -3.82 12.29
C GLN A 45 -2.75 -2.51 12.53
N ASN A 46 -3.53 -1.51 12.91
CA ASN A 46 -3.07 -0.16 13.25
C ASN A 46 -3.46 0.15 14.71
N PRO A 47 -2.62 -0.13 15.72
CA PRO A 47 -3.05 0.00 17.12
C PRO A 47 -3.46 1.43 17.49
N ASP A 48 -2.74 2.43 17.02
CA ASP A 48 -3.09 3.85 17.29
C ASP A 48 -4.43 4.17 16.66
N LEU A 49 -4.64 3.75 15.42
CA LEU A 49 -5.92 4.05 14.74
C LEU A 49 -7.07 3.33 15.43
N TRP A 50 -6.84 2.08 15.82
CA TRP A 50 -7.84 1.23 16.51
C TRP A 50 -8.28 1.86 17.82
N ASN A 51 -7.30 2.24 18.63
CA ASN A 51 -7.54 2.82 19.96
C ASN A 51 -8.34 4.11 19.78
N SER A 52 -7.95 4.98 18.87
CA SER A 52 -8.73 6.20 18.56
C SER A 52 -10.19 5.85 18.20
N TYR A 53 -10.41 4.87 17.34
CA TYR A 53 -11.75 4.45 16.89
C TYR A 53 -12.57 4.00 18.11
N GLN A 54 -11.99 3.15 18.95
CA GLN A 54 -12.61 2.61 20.18
C GLN A 54 -12.90 3.72 21.20
N ALA A 55 -12.01 4.68 21.38
CA ALA A 55 -12.34 5.83 22.23
C ALA A 55 -13.61 6.51 21.67
N LYS A 56 -13.66 6.75 20.37
CA LYS A 56 -14.80 7.45 19.73
C LYS A 56 -16.06 6.61 19.95
N LYS A 57 -15.93 5.30 19.77
CA LYS A 57 -17.03 4.35 19.95
C LYS A 57 -17.60 4.47 21.37
N LYS A 58 -16.72 4.44 22.36
CA LYS A 58 -17.06 4.52 23.81
C LYS A 58 -17.95 5.74 24.06
N THR A 59 -17.51 6.93 23.62
CA THR A 59 -18.26 8.20 23.84
C THR A 59 -19.62 8.08 23.17
N MET A 60 -19.65 7.68 21.91
CA MET A 60 -20.91 7.48 21.15
C MET A 60 -21.81 6.47 21.88
N ASP A 61 -21.30 5.33 22.31
CA ASP A 61 -22.11 4.30 23.01
C ASP A 61 -22.73 4.95 24.26
N ALA A 62 -22.04 5.90 24.87
CA ALA A 62 -22.47 6.54 26.12
C ALA A 62 -23.66 7.45 25.84
N LYS A 63 -23.72 8.05 24.65
CA LYS A 63 -24.67 9.16 24.39
C LYS A 63 -25.88 8.72 23.57
N ASN A 64 -25.82 7.64 22.80
CA ASN A 64 -26.88 7.25 21.83
C ASN A 64 -27.80 6.18 22.40
N GLY A 65 -27.58 5.84 23.66
CA GLY A 65 -28.48 4.98 24.44
C GLY A 65 -28.54 3.61 23.85
N GLN A 66 -29.72 3.18 23.36
CA GLN A 66 -29.95 1.80 22.85
C GLN A 66 -29.35 1.63 21.45
N THR A 67 -29.06 2.71 20.74
CA THR A 67 -28.66 2.61 19.31
C THR A 67 -27.44 1.68 19.20
N MET A 68 -27.46 0.76 18.25
CA MET A 68 -26.29 -0.04 17.85
C MET A 68 -25.47 0.84 16.92
N ASN A 69 -24.38 1.41 17.41
CA ASN A 69 -23.68 2.54 16.74
C ASN A 69 -22.77 2.06 15.60
N GLU A 70 -22.42 0.78 15.58
CA GLU A 70 -21.39 0.26 14.66
C GLU A 70 -22.02 -0.52 13.54
N LYS A 71 -21.60 -0.24 12.30
CA LYS A 71 -21.93 -1.13 11.19
C LYS A 71 -20.64 -1.58 10.52
N GLN A 72 -20.68 -2.70 9.82
CA GLN A 72 -19.59 -3.12 8.94
C GLN A 72 -20.06 -2.90 7.49
N LEU A 73 -19.41 -1.96 6.81
CA LEU A 73 -19.77 -1.46 5.47
C LEU A 73 -18.54 -1.55 4.56
N PHE A 74 -18.73 -1.28 3.28
CA PHE A 74 -17.75 -1.47 2.23
C PHE A 74 -17.24 -0.10 1.78
N HIS A 75 -15.97 -0.05 1.39
CA HIS A 75 -15.35 1.17 0.81
C HIS A 75 -14.39 0.75 -0.29
N GLY A 76 -14.78 0.98 -1.54
CA GLY A 76 -13.88 0.83 -2.70
C GLY A 76 -12.92 2.00 -2.80
N THR A 77 -11.69 1.73 -3.20
CA THR A 77 -10.69 2.80 -3.44
C THR A 77 -9.69 2.27 -4.44
N ASP A 78 -8.79 3.14 -4.85
CA ASP A 78 -7.70 2.79 -5.79
C ASP A 78 -6.52 2.20 -5.01
N ALA A 79 -5.70 1.39 -5.67
CA ALA A 79 -4.46 0.77 -5.12
C ALA A 79 -3.65 1.84 -4.39
N GLY A 80 -3.60 3.05 -4.94
CA GLY A 80 -2.74 4.13 -4.45
C GLY A 80 -3.19 4.70 -3.15
N SER A 81 -4.47 4.63 -2.82
CA SER A 81 -4.96 5.14 -1.53
C SER A 81 -4.78 4.08 -0.42
N VAL A 82 -4.48 2.81 -0.74
CA VAL A 82 -4.44 1.69 0.25
C VAL A 82 -3.40 1.97 1.36
N PRO A 83 -2.16 2.38 1.04
CA PRO A 83 -1.20 2.73 2.09
C PRO A 83 -1.65 3.93 2.92
N HIS A 84 -2.34 4.90 2.28
CA HIS A 84 -2.86 6.08 2.99
C HIS A 84 -3.94 5.63 3.96
N VAL A 85 -4.93 4.85 3.50
CA VAL A 85 -6.03 4.37 4.36
C VAL A 85 -5.46 3.44 5.45
N ASN A 86 -4.48 2.61 5.15
CA ASN A 86 -3.95 1.68 6.20
C ASN A 86 -3.36 2.49 7.38
N ARG A 87 -2.79 3.65 7.12
CA ARG A 87 -2.10 4.47 8.15
C ARG A 87 -3.11 5.40 8.82
N ASN A 88 -3.89 6.10 8.01
CA ASN A 88 -4.61 7.34 8.41
C ASN A 88 -6.11 7.04 8.56
N GLY A 89 -6.57 5.87 8.09
CA GLY A 89 -8.00 5.55 7.95
C GLY A 89 -8.62 6.49 6.92
N PHE A 90 -9.82 6.96 7.16
CA PHE A 90 -10.56 7.84 6.23
C PHE A 90 -10.58 9.27 6.80
N ASN A 91 -9.46 9.99 6.62
CA ASN A 91 -9.22 11.30 7.29
C ASN A 91 -9.68 12.40 6.36
N ARG A 92 -9.52 13.67 6.76
CA ARG A 92 -10.11 14.84 6.07
C ARG A 92 -9.61 14.94 4.63
N SER A 93 -8.31 14.75 4.38
CA SER A 93 -7.74 14.90 3.01
C SER A 93 -8.34 13.82 2.09
N TYR A 94 -8.54 12.59 2.61
CA TYR A 94 -9.13 11.46 1.85
C TYR A 94 -10.58 11.77 1.51
N ALA A 95 -11.35 12.31 2.46
CA ALA A 95 -12.74 12.82 2.26
C ALA A 95 -12.79 13.76 1.05
N GLY A 96 -11.79 14.63 0.88
CA GLY A 96 -11.70 15.56 -0.26
C GLY A 96 -11.76 14.84 -1.58
N LYS A 97 -11.29 13.59 -1.62
N LYS A 97 -11.28 13.59 -1.62
CA LYS A 97 -11.18 12.75 -2.85
CA LYS A 97 -11.17 12.75 -2.85
C LYS A 97 -12.52 12.09 -3.19
C LYS A 97 -12.52 12.09 -3.19
N ASN A 98 -13.44 11.94 -2.22
CA ASN A 98 -14.78 11.29 -2.41
C ASN A 98 -15.78 12.26 -3.06
N ALA A 99 -16.81 11.70 -3.72
CA ALA A 99 -18.02 12.40 -4.20
C ALA A 99 -18.64 13.23 -3.06
N VAL A 100 -19.59 14.10 -3.41
CA VAL A 100 -20.11 15.17 -2.52
C VAL A 100 -21.64 15.12 -2.45
N ALA A 101 -22.30 14.08 -2.98
CA ALA A 101 -23.79 14.01 -3.11
C ALA A 101 -24.49 14.33 -1.78
N TYR A 102 -24.13 13.59 -0.71
CA TYR A 102 -24.74 13.73 0.65
C TYR A 102 -23.80 14.44 1.62
N GLY A 103 -22.77 15.14 1.11
CA GLY A 103 -21.81 15.90 1.94
C GLY A 103 -20.36 15.61 1.61
N LYS A 104 -19.45 16.39 2.20
CA LYS A 104 -17.98 16.28 2.06
C LYS A 104 -17.44 15.44 3.21
N GLY A 105 -17.53 14.12 3.08
CA GLY A 105 -16.94 13.17 4.03
C GLY A 105 -16.54 11.93 3.28
N THR A 106 -16.40 10.80 3.98
CA THR A 106 -16.09 9.52 3.33
C THR A 106 -17.35 8.66 3.19
N TYR A 107 -17.51 8.01 2.03
CA TYR A 107 -18.71 7.23 1.65
C TYR A 107 -18.44 5.74 1.93
N PHE A 108 -19.41 5.09 2.56
CA PHE A 108 -19.42 3.62 2.80
C PHE A 108 -20.77 3.02 2.36
N ALA A 109 -20.71 1.88 1.71
CA ALA A 109 -21.87 1.16 1.14
C ALA A 109 -22.28 0.00 2.05
N VAL A 110 -23.59 -0.20 2.19
CA VAL A 110 -24.17 -1.39 2.91
C VAL A 110 -23.79 -2.66 2.14
N ASN A 111 -23.83 -2.60 0.82
CA ASN A 111 -23.63 -3.76 -0.12
C ASN A 111 -22.34 -3.58 -0.92
N ALA A 112 -21.56 -4.65 -1.07
CA ALA A 112 -20.24 -4.64 -1.76
C ALA A 112 -20.38 -4.20 -3.21
N ASN A 113 -21.50 -4.51 -3.88
CA ASN A 113 -21.61 -4.30 -5.35
C ASN A 113 -21.49 -2.81 -5.62
N TYR A 114 -22.03 -2.01 -4.72
CA TYR A 114 -21.94 -0.54 -4.78
C TYR A 114 -20.47 -0.11 -4.85
N SER A 115 -19.64 -0.62 -3.96
CA SER A 115 -18.19 -0.26 -3.81
C SER A 115 -17.35 -0.92 -4.92
N ALA A 116 -17.82 -2.04 -5.49
CA ALA A 116 -17.13 -2.88 -6.49
C ALA A 116 -17.14 -2.21 -7.89
N ASN A 117 -17.85 -1.09 -8.02
CA ASN A 117 -17.85 -0.27 -9.27
C ASN A 117 -16.44 0.24 -9.54
N ASP A 118 -16.03 0.30 -10.83
CA ASP A 118 -14.68 0.71 -11.25
C ASP A 118 -14.44 2.20 -11.00
N THR A 119 -15.48 2.98 -10.70
CA THR A 119 -15.29 4.40 -10.28
C THR A 119 -14.71 4.45 -8.88
N TYR A 120 -15.10 3.51 -8.00
CA TYR A 120 -14.65 3.47 -6.58
C TYR A 120 -13.45 2.53 -6.42
N SER A 121 -13.63 1.22 -6.67
CA SER A 121 -12.52 0.23 -6.66
C SER A 121 -11.87 0.16 -8.06
N ARG A 122 -11.14 1.21 -8.39
CA ARG A 122 -10.44 1.34 -9.69
C ARG A 122 -9.51 0.14 -9.90
N PRO A 123 -9.72 -0.65 -10.97
CA PRO A 123 -8.76 -1.68 -11.33
C PRO A 123 -7.38 -1.07 -11.54
N ASP A 124 -6.35 -1.71 -10.99
CA ASP A 124 -4.94 -1.28 -11.06
C ASP A 124 -4.34 -1.85 -12.35
N ALA A 125 -3.05 -1.67 -12.61
CA ALA A 125 -2.37 -2.14 -13.85
C ALA A 125 -2.51 -3.65 -14.05
N ASN A 126 -2.70 -4.43 -12.96
CA ASN A 126 -2.85 -5.89 -13.03
C ASN A 126 -4.32 -6.30 -12.95
N GLY A 127 -5.24 -5.33 -13.05
CA GLY A 127 -6.69 -5.57 -13.05
C GLY A 127 -7.22 -5.85 -11.64
N ARG A 128 -6.46 -5.57 -10.59
CA ARG A 128 -6.93 -5.93 -9.24
C ARG A 128 -7.70 -4.72 -8.67
N LYS A 129 -8.82 -5.04 -8.03
CA LYS A 129 -9.73 -4.06 -7.36
C LYS A 129 -9.66 -4.26 -5.84
N HIS A 130 -9.84 -3.17 -5.10
CA HIS A 130 -9.63 -3.06 -3.63
C HIS A 130 -10.89 -2.49 -2.97
N VAL A 131 -11.49 -3.30 -2.09
CA VAL A 131 -12.65 -2.92 -1.26
C VAL A 131 -12.32 -3.32 0.18
N TYR A 132 -12.35 -2.34 1.06
CA TYR A 132 -12.21 -2.53 2.52
C TYR A 132 -13.59 -2.89 3.09
N TYR A 133 -13.59 -3.69 4.15
CA TYR A 133 -14.79 -4.08 4.91
C TYR A 133 -14.54 -3.48 6.27
N VAL A 134 -15.27 -2.40 6.54
CA VAL A 134 -14.91 -1.29 7.47
C VAL A 134 -15.88 -1.26 8.66
N ARG A 135 -15.36 -1.05 9.88
N ARG A 135 -15.36 -1.06 9.87
CA ARG A 135 -16.19 -0.77 11.06
CA ARG A 135 -16.19 -0.78 11.06
C ARG A 135 -16.48 0.71 11.04
C ARG A 135 -16.48 0.71 11.05
N VAL A 136 -17.76 1.08 10.97
CA VAL A 136 -18.15 2.49 10.83
C VAL A 136 -19.11 2.81 11.96
N LEU A 137 -18.83 3.89 12.70
CA LEU A 137 -19.72 4.37 13.76
C LEU A 137 -20.80 5.26 13.13
N THR A 138 -21.82 4.62 12.54
CA THR A 138 -23.01 5.24 11.91
C THR A 138 -23.87 5.94 12.98
N GLY A 139 -23.95 5.39 14.20
CA GLY A 139 -24.72 5.94 15.33
C GLY A 139 -26.13 6.36 14.92
N ILE A 140 -26.50 7.60 15.22
N ILE A 140 -26.50 7.61 15.21
CA ILE A 140 -27.80 8.22 14.83
CA ILE A 140 -27.80 8.20 14.82
C ILE A 140 -27.58 9.01 13.54
C ILE A 140 -27.58 9.01 13.54
N TYR A 141 -28.35 8.70 12.52
CA TYR A 141 -28.17 9.27 11.16
C TYR A 141 -29.49 9.83 10.66
N THR A 142 -29.39 10.75 9.70
N THR A 142 -29.41 10.75 9.71
CA THR A 142 -30.52 11.44 9.02
CA THR A 142 -30.58 11.29 8.98
C THR A 142 -30.19 11.50 7.53
C THR A 142 -30.19 11.48 7.52
N HIS A 143 -31.15 11.94 6.72
CA HIS A 143 -30.98 12.18 5.27
C HIS A 143 -29.94 13.28 5.05
N GLY A 144 -28.97 13.05 4.15
CA GLY A 144 -27.87 13.97 3.84
C GLY A 144 -28.13 14.84 2.63
N ASN A 145 -27.24 15.80 2.36
CA ASN A 145 -27.30 16.74 1.19
C ASN A 145 -25.90 17.29 0.91
N HIS A 146 -25.70 17.84 -0.29
CA HIS A 146 -24.35 18.08 -0.88
C HIS A 146 -23.61 19.22 -0.15
N SER A 147 -24.31 20.12 0.56
CA SER A 147 -23.70 21.33 1.18
C SER A 147 -22.96 21.02 2.49
N LEU A 148 -23.26 19.90 3.15
CA LEU A 148 -22.75 19.57 4.52
C LEU A 148 -21.23 19.42 4.50
N ILE A 149 -20.51 20.09 5.41
CA ILE A 149 -19.08 19.79 5.73
C ILE A 149 -19.02 18.98 7.03
N VAL A 150 -20.02 19.11 7.90
CA VAL A 150 -20.23 18.29 9.12
C VAL A 150 -21.69 17.86 9.12
N PRO A 151 -22.11 16.89 9.97
CA PRO A 151 -23.52 16.48 10.02
C PRO A 151 -24.40 17.53 10.73
N PRO A 152 -25.70 17.65 10.39
CA PRO A 152 -26.55 18.74 10.90
C PRO A 152 -27.02 18.65 12.37
N LEU A 162 -24.95 17.04 17.21
CA LEU A 162 -25.00 16.73 15.76
C LEU A 162 -25.33 15.25 15.53
N TYR A 163 -25.93 14.94 14.38
CA TYR A 163 -26.03 13.53 13.87
C TYR A 163 -24.62 12.94 13.73
N ASP A 164 -24.49 11.62 13.89
CA ASP A 164 -23.18 10.94 13.79
C ASP A 164 -22.79 10.82 12.31
N THR A 165 -23.73 10.39 11.48
CA THR A 165 -23.54 10.26 10.02
C THR A 165 -24.81 10.67 9.30
N VAL A 166 -24.76 10.71 7.98
CA VAL A 166 -25.95 10.89 7.13
C VAL A 166 -25.97 9.74 6.13
N THR A 167 -27.16 9.48 5.60
CA THR A 167 -27.50 8.34 4.73
C THR A 167 -28.33 8.87 3.56
N ASP A 168 -28.49 8.04 2.53
CA ASP A 168 -29.36 8.35 1.37
C ASP A 168 -30.82 8.15 1.76
N ASN A 169 -31.10 7.21 2.66
CA ASN A 169 -32.48 6.83 3.04
C ASN A 169 -32.48 6.27 4.45
N VAL A 170 -33.07 7.04 5.39
CA VAL A 170 -33.08 6.73 6.85
C VAL A 170 -33.74 5.35 7.09
N HIS A 171 -34.85 5.05 6.41
CA HIS A 171 -35.64 3.80 6.57
C HIS A 171 -34.95 2.64 5.86
N HIS A 172 -34.31 2.87 4.73
CA HIS A 172 -33.63 1.82 3.93
C HIS A 172 -32.27 2.33 3.43
N PRO A 173 -31.24 2.41 4.29
CA PRO A 173 -29.93 2.92 3.90
C PRO A 173 -29.18 2.02 2.92
N SER A 174 -28.60 2.62 1.89
CA SER A 174 -27.64 1.98 0.96
C SER A 174 -26.22 2.50 1.22
N LEU A 175 -26.13 3.76 1.69
N LEU A 175 -26.10 3.75 1.66
CA LEU A 175 -24.90 4.58 1.83
CA LEU A 175 -24.78 4.31 1.99
C LEU A 175 -24.92 5.28 3.19
C LEU A 175 -24.89 5.29 3.15
N PHE A 176 -23.73 5.52 3.76
CA PHE A 176 -23.53 6.37 4.94
C PHE A 176 -22.35 7.25 4.59
N VAL A 177 -22.35 8.48 5.12
CA VAL A 177 -21.18 9.39 5.05
C VAL A 177 -20.75 9.74 6.48
N ALA A 178 -19.49 9.47 6.80
CA ALA A 178 -18.80 9.87 8.05
C ALA A 178 -17.94 11.12 7.77
N PHE A 179 -17.92 12.06 8.72
CA PHE A 179 -17.31 13.41 8.57
C PHE A 179 -16.08 13.55 9.46
N TYR A 180 -16.02 12.73 10.51
CA TYR A 180 -15.03 12.84 11.61
C TYR A 180 -13.92 11.83 11.40
N ASP A 181 -12.72 12.21 11.84
CA ASP A 181 -11.56 11.30 11.99
C ASP A 181 -11.92 10.30 13.11
N TYR A 182 -11.46 9.07 12.95
CA TYR A 182 -11.58 7.96 13.92
C TYR A 182 -13.04 7.47 14.04
N GLN A 183 -13.89 7.75 13.05
CA GLN A 183 -15.28 7.25 12.98
C GLN A 183 -15.31 5.91 12.23
N ALA A 184 -14.21 5.52 11.56
CA ALA A 184 -14.18 4.31 10.74
C ALA A 184 -12.85 3.59 10.90
N TYR A 185 -12.87 2.27 10.95
CA TYR A 185 -11.64 1.44 11.05
C TYR A 185 -11.58 0.46 9.89
N PRO A 186 -10.51 0.56 9.06
CA PRO A 186 -10.42 -0.21 7.82
C PRO A 186 -9.92 -1.61 8.18
N GLU A 187 -10.78 -2.40 8.81
CA GLU A 187 -10.34 -3.69 9.42
C GLU A 187 -9.85 -4.68 8.36
N TYR A 188 -10.57 -4.83 7.23
CA TYR A 188 -10.23 -5.85 6.21
C TYR A 188 -10.13 -5.22 4.84
N LEU A 189 -9.17 -5.71 4.07
CA LEU A 189 -8.97 -5.30 2.67
C LEU A 189 -9.14 -6.54 1.82
N ILE A 190 -10.07 -6.43 0.90
CA ILE A 190 -10.44 -7.48 -0.07
C ILE A 190 -9.81 -7.04 -1.38
N THR A 191 -8.89 -7.86 -1.91
CA THR A 191 -8.32 -7.70 -3.26
C THR A 191 -9.02 -8.71 -4.17
N PHE A 192 -9.61 -8.25 -5.27
CA PHE A 192 -10.39 -9.12 -6.17
C PHE A 192 -10.26 -8.65 -7.63
N ARG A 193 -10.89 -9.40 -8.56
CA ARG A 193 -10.89 -9.07 -10.01
C ARG A 193 -12.13 -9.65 -10.70
N LYS A 194 -12.39 -9.24 -11.95
CA LYS A 194 -13.63 -9.54 -12.71
C LYS A 194 -13.68 -10.98 -13.23
N LYS B 6 -1.12 -16.00 3.64
CA LYS B 6 -0.40 -17.07 4.38
C LYS B 6 0.75 -16.41 5.17
N GLN B 7 1.70 -15.79 4.44
CA GLN B 7 3.01 -15.35 4.98
C GLN B 7 3.55 -14.15 4.18
N GLN B 8 4.76 -13.73 4.55
CA GLN B 8 5.45 -12.49 4.14
C GLN B 8 4.54 -11.31 4.51
N ASN B 9 3.92 -11.40 5.70
CA ASN B 9 3.19 -10.26 6.29
C ASN B 9 4.25 -9.19 6.58
N PHE B 10 3.83 -7.95 6.69
CA PHE B 10 4.78 -6.85 6.87
C PHE B 10 4.16 -5.76 7.74
N CYS B 11 5.04 -4.89 8.21
CA CYS B 11 4.67 -3.68 8.98
C CYS B 11 5.35 -2.52 8.29
N VAL B 12 4.71 -1.39 8.35
CA VAL B 12 5.20 -0.11 7.77
C VAL B 12 5.42 0.89 8.90
N VAL B 13 6.67 1.29 9.13
CA VAL B 13 7.07 2.16 10.26
C VAL B 13 7.59 3.48 9.71
N GLU B 14 6.87 4.55 10.01
CA GLU B 14 7.25 5.91 9.57
C GLU B 14 8.46 6.37 10.41
N LEU B 15 9.48 6.91 9.76
CA LEU B 15 10.67 7.49 10.44
C LEU B 15 10.43 8.96 10.66
N LEU B 16 10.62 9.44 11.87
CA LEU B 16 10.62 10.91 12.11
C LEU B 16 11.80 11.48 11.34
N PRO B 17 11.60 12.64 10.68
CA PRO B 17 12.68 13.43 10.12
C PRO B 17 13.75 13.77 11.18
N SER B 18 13.45 13.64 12.48
CA SER B 18 14.45 13.84 13.57
C SER B 18 15.21 12.54 13.86
N ASP B 19 14.89 11.46 13.16
CA ASP B 19 15.51 10.13 13.37
C ASP B 19 16.75 10.03 12.51
N PRO B 20 17.94 9.71 13.07
CA PRO B 20 19.14 9.53 12.27
C PRO B 20 18.95 8.58 11.06
N GLU B 21 18.13 7.54 11.19
CA GLU B 21 17.82 6.58 10.08
C GLU B 21 17.20 7.35 8.90
N TYR B 22 16.26 8.27 9.18
CA TYR B 22 15.72 9.21 8.17
C TYR B 22 16.84 10.05 7.55
N ASN B 23 17.63 10.73 8.39
CA ASN B 23 18.75 11.59 7.91
C ASN B 23 19.57 10.78 6.89
N THR B 24 19.91 9.53 7.18
CA THR B 24 20.79 8.70 6.32
C THR B 24 20.15 8.49 4.93
N VAL B 25 18.87 8.10 4.88
CA VAL B 25 18.19 7.78 3.57
C VAL B 25 18.04 9.08 2.79
N ALA B 26 17.61 10.13 3.49
CA ALA B 26 17.35 11.46 2.91
C ALA B 26 18.61 11.96 2.22
N SER B 27 19.75 11.86 2.90
CA SER B 27 21.09 12.26 2.37
C SER B 27 21.35 11.59 1.01
N LYS B 28 21.25 10.28 0.92
CA LYS B 28 21.57 9.58 -0.36
C LYS B 28 20.60 10.02 -1.45
N PHE B 29 19.32 10.10 -1.12
CA PHE B 29 18.25 10.58 -2.02
C PHE B 29 18.63 11.97 -2.54
N ASN B 30 18.93 12.87 -1.60
CA ASN B 30 19.24 14.29 -1.89
C ASN B 30 20.54 14.43 -2.72
N GLN B 31 21.40 13.43 -2.85
CA GLN B 31 22.58 13.55 -3.74
C GLN B 31 22.14 13.94 -5.15
N THR B 32 20.96 13.50 -5.61
CA THR B 32 20.52 13.70 -7.01
C THR B 32 19.08 14.21 -7.09
N CYS B 33 18.34 14.21 -5.98
CA CYS B 33 16.89 14.58 -5.95
C CYS B 33 16.58 15.61 -4.84
N SER B 34 17.53 16.47 -4.48
CA SER B 34 17.31 17.53 -3.46
C SER B 34 16.30 18.57 -3.94
N HIS B 35 16.04 18.68 -5.25
CA HIS B 35 15.05 19.65 -5.78
C HIS B 35 13.62 19.12 -5.59
N PHE B 36 13.45 17.86 -5.17
CA PHE B 36 12.15 17.28 -4.80
C PHE B 36 11.91 17.53 -3.32
N ARG B 37 10.66 17.48 -2.89
CA ARG B 37 10.33 17.59 -1.46
C ARG B 37 9.95 16.20 -0.94
N ILE B 38 10.63 15.76 0.12
CA ILE B 38 10.35 14.45 0.81
C ILE B 38 9.14 14.67 1.75
N GLU B 39 8.05 13.93 1.56
CA GLU B 39 6.88 14.03 2.48
C GLU B 39 7.02 12.96 3.58
N LYS B 40 7.60 11.79 3.26
CA LYS B 40 7.73 10.77 4.30
C LYS B 40 8.72 9.68 3.84
N ILE B 41 9.32 9.04 4.84
CA ILE B 41 10.27 7.93 4.66
C ILE B 41 9.78 6.85 5.63
N GLU B 42 9.53 5.65 5.11
N GLU B 42 9.45 5.65 5.15
CA GLU B 42 8.97 4.50 5.88
CA GLU B 42 9.00 4.58 6.07
C GLU B 42 9.95 3.35 5.80
C GLU B 42 9.89 3.37 5.83
N ARG B 43 10.10 2.58 6.89
CA ARG B 43 10.82 1.28 6.87
C ARG B 43 9.76 0.21 6.66
N ILE B 44 10.03 -0.69 5.74
CA ILE B 44 9.23 -1.91 5.47
C ILE B 44 9.85 -3.05 6.29
N GLN B 45 9.07 -3.62 7.20
CA GLN B 45 9.47 -4.77 8.06
C GLN B 45 8.69 -6.00 7.63
N ASN B 46 9.34 -6.85 6.83
CA ASN B 46 8.80 -8.13 6.34
C ASN B 46 9.71 -9.26 6.82
N PRO B 47 9.44 -9.93 7.97
CA PRO B 47 10.37 -10.88 8.55
C PRO B 47 10.73 -12.02 7.61
N ASP B 48 9.72 -12.62 7.01
CA ASP B 48 9.91 -13.74 6.06
C ASP B 48 10.72 -13.25 4.86
N LEU B 49 10.41 -12.10 4.32
CA LEU B 49 11.18 -11.58 3.15
C LEU B 49 12.64 -11.28 3.55
N TRP B 50 12.84 -10.73 4.72
CA TRP B 50 14.17 -10.37 5.25
C TRP B 50 15.02 -11.62 5.43
N ASN B 51 14.44 -12.62 6.10
CA ASN B 51 15.10 -13.91 6.38
C ASN B 51 15.51 -14.54 5.06
N SER B 52 14.61 -14.58 4.08
CA SER B 52 14.95 -15.08 2.73
C SER B 52 16.13 -14.30 2.13
N TYR B 53 16.11 -12.98 2.20
CA TYR B 53 17.16 -12.12 1.59
C TYR B 53 18.51 -12.45 2.25
N GLN B 54 18.54 -12.52 3.57
CA GLN B 54 19.75 -12.79 4.37
C GLN B 54 20.26 -14.22 4.12
N ALA B 55 19.40 -15.20 4.00
CA ALA B 55 19.83 -16.53 3.52
C ALA B 55 20.59 -16.36 2.19
N LYS B 56 20.02 -15.64 1.24
CA LYS B 56 20.63 -15.50 -0.09
C LYS B 56 21.96 -14.77 0.04
N LYS B 57 21.99 -13.74 0.89
CA LYS B 57 23.20 -12.94 1.12
C LYS B 57 24.32 -13.85 1.62
N LYS B 58 24.01 -14.69 2.61
CA LYS B 58 24.96 -15.62 3.25
C LYS B 58 25.62 -16.48 2.15
N THR B 59 24.82 -17.12 1.31
CA THR B 59 25.33 -18.04 0.25
C THR B 59 26.25 -17.23 -0.68
N MET B 60 25.78 -16.07 -1.15
CA MET B 60 26.57 -15.20 -2.05
C MET B 60 27.88 -14.80 -1.33
N ASP B 61 27.83 -14.35 -0.09
CA ASP B 61 29.05 -13.92 0.66
C ASP B 61 30.03 -15.11 0.72
N ALA B 62 29.53 -16.35 0.75
CA ALA B 62 30.35 -17.57 0.84
C ALA B 62 31.11 -17.79 -0.47
N LYS B 63 30.52 -17.37 -1.58
CA LYS B 63 30.84 -17.79 -2.96
C LYS B 63 31.75 -16.79 -3.67
N ASN B 64 31.56 -15.49 -3.41
CA ASN B 64 32.10 -14.38 -4.24
C ASN B 64 33.34 -13.79 -3.61
N GLY B 65 33.81 -14.39 -2.52
CA GLY B 65 35.13 -14.09 -1.97
C GLY B 65 35.18 -12.69 -1.45
N GLN B 66 36.04 -11.84 -2.02
CA GLN B 66 36.28 -10.46 -1.48
C GLN B 66 35.14 -9.54 -1.90
N THR B 67 34.36 -9.92 -2.90
CA THR B 67 33.33 -9.02 -3.49
C THR B 67 32.40 -8.54 -2.37
N MET B 68 32.19 -7.22 -2.30
CA MET B 68 31.10 -6.61 -1.48
C MET B 68 29.80 -6.81 -2.27
N ASN B 69 28.98 -7.78 -1.88
CA ASN B 69 27.86 -8.29 -2.72
C ASN B 69 26.64 -7.38 -2.65
N GLU B 70 26.55 -6.51 -1.64
CA GLU B 70 25.32 -5.73 -1.38
C GLU B 70 25.53 -4.31 -1.80
N LYS B 71 24.55 -3.73 -2.48
CA LYS B 71 24.50 -2.27 -2.68
C LYS B 71 23.16 -1.77 -2.16
N GLN B 72 23.06 -0.48 -1.88
CA GLN B 72 21.78 0.19 -1.64
C GLN B 72 21.45 1.06 -2.86
N LEU B 73 20.38 0.68 -3.56
CA LEU B 73 19.97 1.26 -4.88
C LEU B 73 18.52 1.71 -4.81
N PHE B 74 18.07 2.45 -5.83
CA PHE B 74 16.73 3.05 -5.88
C PHE B 74 15.82 2.25 -6.83
N HIS B 75 14.54 2.20 -6.52
CA HIS B 75 13.51 1.58 -7.41
C HIS B 75 12.24 2.42 -7.35
N GLY B 76 12.01 3.21 -8.38
CA GLY B 76 10.73 3.91 -8.59
C GLY B 76 9.63 2.94 -8.96
N THR B 77 8.42 3.15 -8.44
CA THR B 77 7.26 2.34 -8.84
C THR B 77 6.05 3.21 -8.68
N ASP B 78 4.91 2.70 -9.10
CA ASP B 78 3.61 3.39 -8.94
C ASP B 78 3.05 3.13 -7.53
N ALA B 79 2.20 4.04 -7.06
CA ALA B 79 1.38 3.91 -5.82
C ALA B 79 0.85 2.49 -5.66
N GLY B 80 0.37 1.90 -6.72
CA GLY B 80 -0.37 0.62 -6.68
C GLY B 80 0.51 -0.59 -6.48
N SER B 81 1.77 -0.53 -6.87
CA SER B 81 2.68 -1.67 -6.64
C SER B 81 3.21 -1.69 -5.17
N VAL B 82 3.01 -0.64 -4.38
CA VAL B 82 3.64 -0.51 -3.01
C VAL B 82 3.21 -1.67 -2.11
N PRO B 83 1.91 -2.01 -1.99
CA PRO B 83 1.50 -3.19 -1.21
C PRO B 83 2.08 -4.49 -1.77
N HIS B 84 2.21 -4.60 -3.09
CA HIS B 84 2.77 -5.81 -3.73
C HIS B 84 4.24 -5.92 -3.34
N VAL B 85 5.02 -4.87 -3.54
CA VAL B 85 6.47 -4.88 -3.21
C VAL B 85 6.64 -5.06 -1.70
N ASN B 86 5.83 -4.41 -0.86
CA ASN B 86 6.00 -4.58 0.62
C ASN B 86 5.85 -6.05 1.03
N ARG B 87 4.99 -6.81 0.35
CA ARG B 87 4.72 -8.23 0.73
C ARG B 87 5.74 -9.16 0.06
N ASN B 88 5.92 -8.98 -1.23
CA ASN B 88 6.51 -10.00 -2.13
C ASN B 88 7.93 -9.63 -2.54
N GLY B 89 8.32 -8.39 -2.29
CA GLY B 89 9.57 -7.79 -2.80
C GLY B 89 9.47 -7.71 -4.31
N PHE B 90 10.56 -8.00 -5.02
CA PHE B 90 10.61 -7.86 -6.49
C PHE B 90 10.60 -9.27 -7.11
N ASN B 91 9.42 -9.89 -7.14
CA ASN B 91 9.24 -11.32 -7.52
C ASN B 91 8.98 -11.39 -9.01
N ARG B 92 8.82 -12.59 -9.56
CA ARG B 92 8.80 -12.80 -11.04
C ARG B 92 7.66 -12.03 -11.71
N SER B 93 6.46 -12.00 -11.14
CA SER B 93 5.30 -11.27 -11.76
C SER B 93 5.61 -9.76 -11.81
N TYR B 94 6.25 -9.19 -10.78
CA TYR B 94 6.65 -7.75 -10.73
C TYR B 94 7.68 -7.46 -11.82
N ALA B 95 8.68 -8.33 -11.98
CA ALA B 95 9.69 -8.30 -13.08
C ALA B 95 8.99 -8.15 -14.44
N GLY B 96 7.87 -8.86 -14.65
CA GLY B 96 7.07 -8.81 -15.89
C GLY B 96 6.66 -7.39 -16.22
N LYS B 97 6.48 -6.54 -15.21
CA LYS B 97 5.97 -5.15 -15.34
C LYS B 97 7.11 -4.18 -15.73
N ASN B 98 8.39 -4.53 -15.48
CA ASN B 98 9.58 -3.67 -15.75
C ASN B 98 9.97 -3.72 -17.23
N ALA B 99 10.69 -2.68 -17.69
CA ALA B 99 11.44 -2.62 -18.97
C ALA B 99 12.27 -3.90 -19.15
N VAL B 100 12.74 -4.14 -20.38
N VAL B 100 12.71 -4.19 -20.38
CA VAL B 100 13.37 -5.43 -20.80
CA VAL B 100 13.40 -5.46 -20.74
C VAL B 100 14.75 -5.18 -21.44
C VAL B 100 14.77 -5.19 -21.38
N ALA B 101 15.28 -3.95 -21.38
CA ALA B 101 16.52 -3.52 -22.08
C ALA B 101 17.69 -4.48 -21.82
N TYR B 102 18.03 -4.73 -20.55
CA TYR B 102 19.16 -5.60 -20.13
C TYR B 102 18.65 -6.94 -19.58
N GLY B 103 17.39 -7.31 -19.85
CA GLY B 103 16.80 -8.61 -19.47
C GLY B 103 15.43 -8.45 -18.81
N LYS B 104 14.76 -9.59 -18.59
CA LYS B 104 13.44 -9.70 -17.90
C LYS B 104 13.68 -9.99 -16.41
N GLY B 105 13.96 -8.92 -15.65
CA GLY B 105 14.08 -8.95 -14.19
C GLY B 105 13.67 -7.61 -13.63
N THR B 106 14.11 -7.27 -12.43
CA THR B 106 13.77 -5.97 -11.81
C THR B 106 14.97 -5.00 -11.89
N TYR B 107 14.67 -3.74 -12.21
CA TYR B 107 15.67 -2.67 -12.47
C TYR B 107 15.84 -1.81 -11.21
N PHE B 108 17.10 -1.56 -10.88
CA PHE B 108 17.51 -0.67 -9.75
C PHE B 108 18.57 0.31 -10.24
N ALA B 109 18.46 1.56 -9.80
CA ALA B 109 19.34 2.68 -10.20
C ALA B 109 20.30 2.97 -9.06
N VAL B 110 21.55 3.30 -9.42
CA VAL B 110 22.59 3.76 -8.46
C VAL B 110 22.16 5.10 -7.87
N ASN B 111 21.60 5.97 -8.69
CA ASN B 111 21.22 7.38 -8.34
C ASN B 111 19.69 7.53 -8.38
N ALA B 112 19.13 8.26 -7.41
CA ALA B 112 17.68 8.45 -7.20
C ALA B 112 17.07 9.13 -8.42
N ASN B 113 17.80 10.04 -9.09
CA ASN B 113 17.20 10.90 -10.14
C ASN B 113 16.69 9.99 -11.26
N TYR B 114 17.42 8.92 -11.52
CA TYR B 114 17.03 7.89 -12.51
C TYR B 114 15.62 7.37 -12.20
N SER B 115 15.40 6.97 -10.94
CA SER B 115 14.16 6.29 -10.44
C SER B 115 13.02 7.32 -10.28
N ALA B 116 13.38 8.59 -10.05
CA ALA B 116 12.47 9.73 -9.82
C ALA B 116 11.74 10.14 -11.12
N ASN B 117 12.09 9.58 -12.29
CA ASN B 117 11.35 9.80 -13.56
C ASN B 117 9.90 9.32 -13.42
N ASP B 118 8.95 10.03 -14.05
CA ASP B 118 7.49 9.76 -13.94
C ASP B 118 7.13 8.46 -14.66
N THR B 119 7.99 7.90 -15.49
CA THR B 119 7.75 6.56 -16.10
C THR B 119 7.88 5.48 -15.04
N TYR B 120 8.79 5.66 -14.07
CA TYR B 120 9.05 4.66 -13.01
C TYR B 120 8.29 5.02 -11.73
N SER B 121 8.55 6.19 -11.11
CA SER B 121 7.81 6.69 -9.92
C SER B 121 6.61 7.52 -10.39
N ARG B 122 5.62 6.84 -10.96
CA ARG B 122 4.40 7.50 -11.51
C ARG B 122 3.74 8.33 -10.43
N PRO B 123 3.61 9.65 -10.62
CA PRO B 123 2.79 10.49 -9.75
C PRO B 123 1.37 9.91 -9.68
N ASP B 124 0.84 9.78 -8.47
CA ASP B 124 -0.47 9.15 -8.19
C ASP B 124 -1.52 10.27 -8.28
N ALA B 125 -2.78 10.01 -7.94
CA ALA B 125 -3.86 11.04 -8.05
C ALA B 125 -3.56 12.29 -7.23
N ASN B 126 -2.75 12.19 -6.17
N ASN B 126 -2.75 12.18 -6.17
CA ASN B 126 -2.39 13.33 -5.28
CA ASN B 126 -2.37 13.33 -5.28
C ASN B 126 -1.01 13.89 -5.67
C ASN B 126 -1.03 13.91 -5.69
N GLY B 127 -0.42 13.41 -6.78
CA GLY B 127 0.88 13.89 -7.28
C GLY B 127 2.04 13.27 -6.52
N ARG B 128 1.82 12.24 -5.71
CA ARG B 128 2.93 11.72 -4.88
C ARG B 128 3.64 10.62 -5.67
N LYS B 129 4.97 10.66 -5.56
CA LYS B 129 5.89 9.68 -6.20
C LYS B 129 6.54 8.83 -5.09
N HIS B 130 6.83 7.59 -5.46
CA HIS B 130 7.28 6.47 -4.59
C HIS B 130 8.58 5.91 -5.16
N VAL B 131 9.65 6.02 -4.36
CA VAL B 131 10.97 5.43 -4.65
C VAL B 131 11.43 4.69 -3.41
N TYR B 132 11.68 3.41 -3.57
CA TYR B 132 12.24 2.55 -2.50
C TYR B 132 13.76 2.65 -2.53
N TYR B 133 14.38 2.51 -1.36
CA TYR B 133 15.85 2.57 -1.19
C TYR B 133 16.17 1.19 -0.67
N VAL B 134 16.75 0.39 -1.55
CA VAL B 134 16.68 -1.10 -1.56
C VAL B 134 18.06 -1.70 -1.34
N ARG B 135 18.13 -2.75 -0.54
N ARG B 135 18.14 -2.75 -0.54
CA ARG B 135 19.34 -3.58 -0.39
CA ARG B 135 19.36 -3.59 -0.35
C ARG B 135 19.32 -4.59 -1.54
C ARG B 135 19.40 -4.65 -1.46
N VAL B 136 20.31 -4.52 -2.42
CA VAL B 136 20.32 -5.38 -3.63
C VAL B 136 21.61 -6.18 -3.62
N LEU B 137 21.50 -7.51 -3.75
CA LEU B 137 22.66 -8.40 -3.87
C LEU B 137 23.11 -8.42 -5.33
N THR B 138 23.86 -7.38 -5.71
N THR B 138 23.82 -7.35 -5.70
CA THR B 138 24.51 -7.19 -7.04
CA THR B 138 24.56 -7.11 -6.96
C THR B 138 25.60 -8.24 -7.28
C THR B 138 25.56 -8.25 -7.25
N GLY B 139 26.32 -8.65 -6.22
CA GLY B 139 27.43 -9.62 -6.29
C GLY B 139 28.39 -9.39 -7.47
N ILE B 140 28.59 -10.40 -8.31
CA ILE B 140 29.42 -10.34 -9.53
C ILE B 140 28.48 -10.08 -10.69
N TYR B 141 28.71 -9.01 -11.41
CA TYR B 141 27.85 -8.58 -12.52
C TYR B 141 28.68 -8.40 -13.80
N THR B 142 27.97 -8.47 -14.93
CA THR B 142 28.50 -8.26 -16.30
C THR B 142 27.50 -7.41 -17.07
N HIS B 143 27.88 -6.96 -18.27
CA HIS B 143 27.00 -6.23 -19.22
C HIS B 143 25.80 -7.12 -19.62
N GLY B 144 24.58 -6.58 -19.57
CA GLY B 144 23.32 -7.30 -19.85
C GLY B 144 22.81 -7.08 -21.28
N ASN B 145 21.71 -7.76 -21.65
CA ASN B 145 21.04 -7.64 -22.98
C ASN B 145 19.57 -8.13 -22.86
N HIS B 146 18.72 -7.76 -23.83
CA HIS B 146 17.24 -7.82 -23.71
C HIS B 146 16.71 -9.26 -23.70
N SER B 147 17.47 -10.23 -24.21
CA SER B 147 17.00 -11.64 -24.40
C SER B 147 17.04 -12.45 -23.09
N LEU B 148 17.85 -12.03 -22.10
CA LEU B 148 18.08 -12.79 -20.84
C LEU B 148 16.78 -12.93 -20.04
N ILE B 149 16.42 -14.14 -19.62
CA ILE B 149 15.38 -14.40 -18.56
C ILE B 149 16.08 -14.70 -17.23
N VAL B 150 17.32 -15.20 -17.28
CA VAL B 150 18.23 -15.39 -16.11
C VAL B 150 19.59 -14.80 -16.49
N PRO B 151 20.54 -14.61 -15.54
CA PRO B 151 21.87 -14.08 -15.88
C PRO B 151 22.73 -15.13 -16.61
N PRO B 152 23.67 -14.73 -17.49
CA PRO B 152 24.44 -15.69 -18.30
C PRO B 152 25.52 -16.51 -17.56
N ASP B 161 27.06 -22.19 -13.30
CA ASP B 161 27.36 -21.05 -12.39
C ASP B 161 27.16 -19.74 -13.17
N LEU B 162 26.29 -18.86 -12.67
CA LEU B 162 25.79 -17.65 -13.37
C LEU B 162 26.26 -16.37 -12.66
N TYR B 163 26.36 -15.26 -13.39
CA TYR B 163 26.50 -13.89 -12.79
C TYR B 163 25.32 -13.63 -11.85
N ASP B 164 25.53 -12.82 -10.82
CA ASP B 164 24.47 -12.51 -9.81
C ASP B 164 23.45 -11.54 -10.40
N THR B 165 23.94 -10.47 -11.02
CA THR B 165 23.12 -9.45 -11.70
C THR B 165 23.81 -9.05 -13.01
N VAL B 166 23.12 -8.25 -13.80
CA VAL B 166 23.73 -7.58 -14.96
C VAL B 166 23.52 -6.07 -14.78
N THR B 167 24.36 -5.30 -15.47
CA THR B 167 24.46 -3.84 -15.37
C THR B 167 24.54 -3.28 -16.80
N ASP B 168 24.38 -1.96 -16.93
CA ASP B 168 24.52 -1.23 -18.22
C ASP B 168 26.00 -1.10 -18.56
N ASN B 169 26.85 -0.97 -17.53
CA ASN B 169 28.29 -0.67 -17.69
C ASN B 169 29.07 -1.18 -16.47
N VAL B 170 29.89 -2.21 -16.68
CA VAL B 170 30.61 -2.96 -15.61
C VAL B 170 31.53 -1.99 -14.83
N HIS B 171 32.25 -1.11 -15.52
CA HIS B 171 33.24 -0.19 -14.89
C HIS B 171 32.54 1.04 -14.31
N HIS B 172 31.41 1.48 -14.89
CA HIS B 172 30.65 2.62 -14.32
C HIS B 172 29.16 2.33 -14.36
N PRO B 173 28.64 1.49 -13.43
CA PRO B 173 27.21 1.15 -13.40
C PRO B 173 26.31 2.33 -13.04
N SER B 174 25.23 2.47 -13.78
CA SER B 174 24.08 3.33 -13.45
C SER B 174 22.89 2.47 -12.97
N LEU B 175 22.81 1.24 -13.51
N LEU B 175 22.96 1.18 -13.29
CA LEU B 175 21.65 0.32 -13.42
CA LEU B 175 21.76 0.32 -13.44
C LEU B 175 22.16 -1.08 -13.10
C LEU B 175 22.16 -1.12 -13.15
N PHE B 176 21.34 -1.85 -12.39
CA PHE B 176 21.52 -3.29 -12.13
C PHE B 176 20.18 -3.94 -12.43
N VAL B 177 20.19 -5.18 -12.90
CA VAL B 177 18.98 -6.03 -13.00
C VAL B 177 19.19 -7.30 -12.15
N ALA B 178 18.27 -7.59 -11.24
CA ALA B 178 18.16 -8.84 -10.47
C ALA B 178 17.08 -9.73 -11.10
N PHE B 179 17.32 -11.05 -11.16
CA PHE B 179 16.47 -12.05 -11.85
C PHE B 179 15.84 -12.99 -10.85
N TYR B 180 16.41 -13.09 -9.66
CA TYR B 180 16.03 -14.06 -8.61
C TYR B 180 15.14 -13.36 -7.57
N ASP B 181 14.22 -14.14 -7.03
CA ASP B 181 13.45 -13.78 -5.80
C ASP B 181 14.46 -13.73 -4.64
N TYR B 182 14.24 -12.80 -3.70
CA TYR B 182 15.02 -12.67 -2.45
C TYR B 182 16.44 -12.13 -2.74
N GLN B 183 16.65 -11.49 -3.89
CA GLN B 183 17.93 -10.84 -4.23
C GLN B 183 17.89 -9.36 -3.83
N ALA B 184 16.72 -8.83 -3.49
CA ALA B 184 16.55 -7.42 -3.12
C ALA B 184 15.59 -7.31 -1.92
N TYR B 185 15.85 -6.37 -1.01
CA TYR B 185 14.96 -6.09 0.12
C TYR B 185 14.56 -4.62 0.10
N PRO B 186 13.23 -4.33 0.05
CA PRO B 186 12.73 -2.99 -0.07
C PRO B 186 12.68 -2.34 1.31
N GLU B 187 13.84 -2.05 1.86
CA GLU B 187 13.97 -1.58 3.25
C GLU B 187 13.26 -0.24 3.48
N TYR B 188 13.40 0.74 2.59
CA TYR B 188 12.81 2.08 2.80
C TYR B 188 11.95 2.48 1.62
N LEU B 189 10.77 3.04 1.92
CA LEU B 189 9.94 3.75 0.95
C LEU B 189 10.03 5.26 1.18
N ILE B 190 10.39 5.97 0.13
CA ILE B 190 10.44 7.45 0.08
C ILE B 190 9.22 7.90 -0.71
N THR B 191 8.34 8.67 -0.06
CA THR B 191 7.17 9.34 -0.69
C THR B 191 7.56 10.81 -0.84
N PHE B 192 7.49 11.34 -2.07
CA PHE B 192 7.91 12.73 -2.37
C PHE B 192 7.06 13.31 -3.51
N ARG B 193 7.31 14.60 -3.82
CA ARG B 193 6.58 15.38 -4.87
C ARG B 193 7.49 16.47 -5.44
N LYS B 194 7.05 17.13 -6.52
CA LYS B 194 7.89 18.08 -7.31
C LYS B 194 7.94 19.47 -6.66
#